data_3KOA
#
_entry.id   3KOA
#
_cell.length_a   95.371
_cell.length_b   95.371
_cell.length_c   100.878
_cell.angle_alpha   90.00
_cell.angle_beta   90.00
_cell.angle_gamma   120.00
#
_symmetry.space_group_name_H-M   'P 32 2 1'
#
loop_
_entity.id
_entity.type
_entity.pdbx_description
1 polymer '3D polymerase'
2 polymer "RNA (5'-R(P*AP*UP*GP*GP*GP*C)-3')"
3 polymer "RNA (5'-R(P*CP*CP*CP*G)-3')"
4 non-polymer 'MAGNESIUM ION'
5 non-polymer DIPHOSPHATE
6 water water
#
loop_
_entity_poly.entity_id
_entity_poly.type
_entity_poly.pdbx_seq_one_letter_code
_entity_poly.pdbx_strand_id
1 'polypeptide(L)'
;GLIVDTRDVEERVHVMRKTKLAPTVAHGVFNPEFGPAALSNKDPRLNEGVVLDEVIFSKHKGDTKMSAEDKALFRRCAAD
YASRLHSVLGTANAPLSIYEAIKGVDGLDAMEPDTAPGLPWALQGKRRGALIDFENGTVGPEVEAALKLMEKREYKFACQ
TFLKDEIRPMEKVRAGKTRIVDVLPVEHILYTRMMIGRFCAQMHSNNGPQIGSAVGCNPDVDWQRFGTHFAQYRNVWDVD
YSAFDANHCSDAMNIMFEEVFRTEFGFHPNAEWILKTLVNTEHAYENKRITVEGGIPSGCSATSIINTILNNIYVLYALR
RHYEGVELDTYTMISYGDDIVVASDYDLDFEALKPHFKSLGQTITPADKSDKGFVLGHSITDVTFLKRHFHMDYGTGFYK
PVMASKTLEAILSFARRGTIQEKLISVAGLAVHSGPDEYRRLFEPFQGLFEIPSYRSLYLRWVNAVCGDAAALEHH
;
A
2 'polyribonucleotide' AUGGGC B
3 'polyribonucleotide' CCCG C
#
# COMPACT_ATOMS: atom_id res chain seq x y z
N GLY A 1 -1.79 7.49 -14.87
CA GLY A 1 -2.03 8.92 -15.25
C GLY A 1 -1.72 9.24 -16.70
N LEU A 2 -1.80 10.51 -17.05
CA LEU A 2 -1.48 10.92 -18.39
C LEU A 2 -0.15 11.64 -18.41
N ILE A 3 0.78 11.12 -19.18
CA ILE A 3 2.05 11.79 -19.44
C ILE A 3 1.85 12.97 -20.41
N VAL A 4 1.98 14.20 -19.91
CA VAL A 4 1.83 15.36 -20.75
C VAL A 4 3.15 15.97 -21.24
N ASP A 5 4.27 15.28 -21.02
CA ASP A 5 5.55 15.79 -21.53
C ASP A 5 6.79 15.00 -21.08
N THR A 6 7.44 14.30 -22.00
CA THR A 6 8.68 13.59 -21.68
C THR A 6 9.89 14.41 -22.10
N ARG A 7 10.24 15.38 -21.27
CA ARG A 7 11.36 16.27 -21.53
C ARG A 7 12.69 15.56 -21.29
N ASP A 8 13.77 16.13 -21.81
CA ASP A 8 15.07 15.48 -21.76
C ASP A 8 16.16 16.48 -21.41
N VAL A 9 16.89 16.22 -20.32
CA VAL A 9 17.98 17.09 -19.88
C VAL A 9 19.26 16.29 -19.59
N GLU A 10 20.40 16.89 -19.89
CA GLU A 10 21.68 16.22 -19.71
C GLU A 10 21.82 15.75 -18.26
N GLU A 11 21.57 16.65 -17.33
CA GLU A 11 21.60 16.33 -15.91
C GLU A 11 20.97 14.97 -15.60
N ARG A 12 21.79 13.92 -15.57
CA ARG A 12 21.30 12.56 -15.40
C ARG A 12 20.97 12.18 -13.95
N VAL A 13 19.99 11.28 -13.78
CA VAL A 13 19.59 10.79 -12.46
C VAL A 13 19.84 9.29 -12.30
N HIS A 14 20.92 8.95 -11.60
CA HIS A 14 21.43 7.59 -11.45
C HIS A 14 20.50 6.65 -10.66
N VAL A 15 19.98 5.60 -11.33
CA VAL A 15 19.26 4.53 -10.63
C VAL A 15 19.77 3.12 -10.96
N MET A 16 19.73 2.76 -12.25
CA MET A 16 20.12 1.41 -12.73
C MET A 16 20.50 0.39 -11.64
N ARG A 17 21.56 -0.36 -11.93
CA ARG A 17 22.17 -1.26 -10.97
C ARG A 17 21.77 -2.73 -11.10
N LYS A 18 22.57 -3.60 -10.50
CA LYS A 18 22.28 -5.02 -10.46
C LYS A 18 21.36 -5.24 -9.28
N THR A 19 20.81 -6.43 -9.13
CA THR A 19 19.90 -6.71 -8.01
C THR A 19 20.67 -7.11 -6.75
N LYS A 20 20.12 -6.78 -5.59
CA LYS A 20 20.76 -7.19 -4.35
C LYS A 20 20.27 -8.54 -3.88
N LEU A 21 19.29 -9.08 -4.60
CA LEU A 21 18.72 -10.36 -4.24
C LEU A 21 19.56 -11.48 -4.80
N ALA A 22 20.12 -12.30 -3.92
CA ALA A 22 20.84 -13.49 -4.33
C ALA A 22 20.02 -14.72 -3.97
N PRO A 23 20.15 -15.80 -4.76
CA PRO A 23 19.41 -17.03 -4.46
C PRO A 23 19.90 -17.64 -3.15
N THR A 24 19.11 -18.53 -2.57
CA THR A 24 19.52 -19.19 -1.34
C THR A 24 19.62 -20.69 -1.57
N VAL A 25 20.19 -21.41 -0.62
CA VAL A 25 20.17 -22.87 -0.61
C VAL A 25 18.78 -23.41 -0.97
N ALA A 26 17.71 -22.68 -0.65
CA ALA A 26 16.36 -23.18 -0.87
C ALA A 26 15.92 -23.18 -2.34
N HIS A 27 16.44 -22.24 -3.12
CA HIS A 27 16.00 -22.06 -4.51
C HIS A 27 16.18 -23.34 -5.33
N GLY A 28 17.40 -23.84 -5.35
CA GLY A 28 17.67 -25.13 -5.96
C GLY A 28 16.57 -26.10 -5.61
N VAL A 29 16.14 -26.07 -4.36
CA VAL A 29 15.16 -27.05 -3.88
C VAL A 29 13.73 -26.77 -4.32
N PHE A 30 13.26 -25.53 -4.18
CA PHE A 30 11.88 -25.20 -4.51
C PHE A 30 11.68 -24.80 -5.98
N ASN A 31 12.76 -24.42 -6.65
CA ASN A 31 12.66 -23.94 -8.02
C ASN A 31 11.48 -23.00 -8.27
N PRO A 32 11.42 -21.86 -7.55
CA PRO A 32 10.31 -20.92 -7.69
C PRO A 32 10.20 -20.35 -9.12
N GLU A 33 8.98 -20.02 -9.52
CA GLU A 33 8.77 -19.35 -10.79
C GLU A 33 8.80 -17.84 -10.61
N PHE A 34 9.67 -17.37 -9.72
CA PHE A 34 9.83 -15.94 -9.46
C PHE A 34 11.30 -15.61 -9.54
N GLY A 35 11.63 -14.34 -9.66
CA GLY A 35 13.01 -13.93 -9.68
C GLY A 35 13.07 -12.43 -9.56
N PRO A 36 14.27 -11.87 -9.41
CA PRO A 36 14.42 -10.43 -9.27
C PRO A 36 13.99 -9.69 -10.53
N ALA A 37 13.11 -8.70 -10.38
CA ALA A 37 12.70 -7.88 -11.52
C ALA A 37 13.94 -7.54 -12.36
N ALA A 38 13.77 -7.41 -13.67
CA ALA A 38 14.85 -6.90 -14.51
C ALA A 38 15.09 -5.46 -14.09
N LEU A 39 16.36 -5.08 -13.95
CA LEU A 39 16.74 -3.75 -13.51
C LEU A 39 17.59 -3.11 -14.58
N SER A 40 17.85 -3.85 -15.65
CA SER A 40 18.76 -3.40 -16.68
C SER A 40 18.05 -3.31 -18.03
N ASN A 41 18.29 -2.21 -18.72
CA ASN A 41 17.78 -1.98 -20.06
C ASN A 41 17.99 -3.21 -20.95
N LYS A 42 19.09 -3.93 -20.72
CA LYS A 42 19.37 -5.15 -21.46
C LYS A 42 19.75 -6.28 -20.51
N ASP A 43 18.75 -6.78 -19.79
CA ASP A 43 18.89 -7.94 -18.90
C ASP A 43 18.89 -9.18 -19.79
N PRO A 44 19.66 -10.21 -19.42
CA PRO A 44 19.71 -11.32 -20.36
C PRO A 44 18.46 -12.17 -20.25
N ARG A 45 17.43 -11.65 -19.60
CA ARG A 45 16.22 -12.43 -19.38
C ARG A 45 14.99 -11.74 -19.97
N LEU A 46 15.20 -10.58 -20.56
CA LEU A 46 14.11 -9.78 -21.12
C LEU A 46 13.68 -10.26 -22.50
N ASN A 47 12.49 -10.83 -22.59
CA ASN A 47 11.92 -11.20 -23.90
C ASN A 47 12.41 -10.31 -25.04
N GLU A 48 12.85 -10.93 -26.12
CA GLU A 48 13.39 -10.15 -27.22
C GLU A 48 12.38 -9.05 -27.56
N GLY A 49 12.90 -7.87 -27.89
CA GLY A 49 12.06 -6.72 -28.21
C GLY A 49 11.34 -6.07 -27.05
N VAL A 50 11.94 -6.12 -25.86
CA VAL A 50 11.40 -5.38 -24.72
C VAL A 50 12.31 -4.22 -24.33
N VAL A 51 11.71 -3.06 -24.06
CA VAL A 51 12.44 -1.90 -23.58
C VAL A 51 11.98 -1.46 -22.18
N LEU A 52 12.47 -2.13 -21.16
CA LEU A 52 12.21 -1.69 -19.80
C LEU A 52 11.69 -0.26 -19.78
N ASP A 53 12.58 0.70 -20.03
CA ASP A 53 12.17 2.10 -20.03
C ASP A 53 10.78 2.27 -20.64
N GLU A 54 10.44 1.40 -21.58
CA GLU A 54 9.10 1.39 -22.17
C GLU A 54 8.09 0.82 -21.19
N VAL A 55 8.12 -0.50 -21.06
CA VAL A 55 7.15 -1.19 -20.22
C VAL A 55 6.93 -0.48 -18.90
N ILE A 56 8.02 -0.08 -18.26
CA ILE A 56 7.97 0.52 -16.93
C ILE A 56 7.05 1.72 -16.84
N PHE A 57 6.77 2.37 -17.96
CA PHE A 57 5.93 3.55 -17.92
C PHE A 57 4.61 3.29 -18.63
N SER A 58 4.42 2.06 -19.08
CA SER A 58 3.20 1.70 -19.78
C SER A 58 2.04 1.66 -18.81
N LYS A 59 2.19 2.27 -17.65
CA LYS A 59 1.08 2.28 -16.71
C LYS A 59 0.30 3.57 -16.86
N HIS A 60 0.94 4.58 -17.44
CA HIS A 60 0.28 5.85 -17.67
C HIS A 60 -0.42 5.78 -19.01
N LYS A 61 -1.61 5.22 -18.98
CA LYS A 61 -2.40 5.05 -20.15
C LYS A 61 -3.64 5.95 -20.07
N GLY A 62 -3.50 7.13 -19.47
CA GLY A 62 -4.60 8.08 -19.39
C GLY A 62 -4.92 8.70 -18.04
N ASP A 63 -5.78 9.72 -18.07
CA ASP A 63 -6.28 10.40 -16.90
C ASP A 63 -7.76 10.62 -17.12
N THR A 64 -8.58 9.68 -16.66
CA THR A 64 -10.01 9.74 -16.90
C THR A 64 -10.62 11.06 -16.44
N LYS A 65 -11.47 11.61 -17.31
CA LYS A 65 -12.17 12.85 -17.01
C LYS A 65 -13.61 12.53 -16.61
N MET A 66 -14.13 13.22 -15.61
CA MET A 66 -15.46 12.93 -15.15
C MET A 66 -16.45 14.02 -15.51
N SER A 67 -17.68 13.62 -15.79
CA SER A 67 -18.75 14.59 -16.04
C SER A 67 -19.10 15.36 -14.77
N ALA A 68 -19.73 16.52 -14.93
CA ALA A 68 -20.19 17.28 -13.77
C ALA A 68 -21.08 16.43 -12.88
N GLU A 69 -21.94 15.62 -13.47
CA GLU A 69 -22.81 14.72 -12.69
C GLU A 69 -21.99 13.73 -11.91
N ASP A 70 -21.20 12.91 -12.61
CA ASP A 70 -20.37 11.92 -11.96
C ASP A 70 -19.52 12.58 -10.86
N LYS A 71 -18.98 13.76 -11.14
CA LYS A 71 -18.23 14.51 -10.13
C LYS A 71 -19.10 14.86 -8.93
N ALA A 72 -20.33 15.29 -9.20
CA ALA A 72 -21.23 15.64 -8.11
C ALA A 72 -21.55 14.39 -7.29
N LEU A 73 -21.76 13.26 -7.96
CA LEU A 73 -22.02 12.02 -7.24
C LEU A 73 -20.80 11.58 -6.40
N PHE A 74 -19.61 11.72 -6.98
CA PHE A 74 -18.37 11.37 -6.28
C PHE A 74 -18.16 12.26 -5.05
N ARG A 75 -18.49 13.55 -5.15
CA ARG A 75 -18.35 14.47 -4.01
C ARG A 75 -19.28 14.16 -2.82
N ARG A 76 -20.53 13.82 -3.12
CA ARG A 76 -21.45 13.24 -2.15
C ARG A 76 -20.88 11.97 -1.52
N CYS A 77 -20.32 11.07 -2.33
CA CYS A 77 -19.80 9.82 -1.79
C CYS A 77 -18.64 10.08 -0.83
N ALA A 78 -17.79 11.01 -1.23
CA ALA A 78 -16.62 11.34 -0.43
C ALA A 78 -17.07 12.09 0.82
N ALA A 79 -18.14 12.89 0.69
CA ALA A 79 -18.62 13.62 1.86
C ALA A 79 -19.32 12.64 2.79
N ASP A 80 -20.01 11.66 2.20
CA ASP A 80 -20.70 10.64 3.02
C ASP A 80 -19.69 9.76 3.77
N TYR A 81 -18.61 9.37 3.09
CA TYR A 81 -17.53 8.63 3.74
C TYR A 81 -16.75 9.47 4.78
N ALA A 82 -16.57 10.75 4.51
CA ALA A 82 -15.87 11.60 5.44
C ALA A 82 -16.71 11.76 6.69
N SER A 83 -18.02 11.78 6.52
CA SER A 83 -18.87 11.94 7.68
C SER A 83 -18.67 10.72 8.60
N ARG A 84 -18.59 9.54 7.99
CA ARG A 84 -18.52 8.29 8.73
C ARG A 84 -17.19 8.19 9.44
N LEU A 85 -16.12 8.47 8.70
CA LEU A 85 -14.76 8.38 9.21
C LEU A 85 -14.59 9.26 10.43
N HIS A 86 -14.77 10.56 10.24
CA HIS A 86 -14.56 11.52 11.29
C HIS A 86 -15.52 11.36 12.47
N SER A 87 -16.73 10.89 12.20
CA SER A 87 -17.67 10.57 13.25
C SER A 87 -17.05 9.50 14.13
N VAL A 88 -16.29 8.61 13.51
CA VAL A 88 -15.65 7.56 14.30
C VAL A 88 -14.33 7.99 14.95
N LEU A 89 -13.50 8.72 14.22
CA LEU A 89 -12.18 9.09 14.72
C LEU A 89 -12.26 10.28 15.61
N GLY A 90 -13.21 11.16 15.35
CA GLY A 90 -13.26 12.45 16.05
C GLY A 90 -12.79 13.54 15.09
N THR A 91 -12.60 14.75 15.61
CA THR A 91 -12.11 15.87 14.79
C THR A 91 -10.85 16.49 15.38
N ALA A 92 -10.26 15.79 16.35
CA ALA A 92 -8.95 16.14 16.87
C ALA A 92 -7.90 15.95 15.78
N ASN A 93 -7.86 16.89 14.83
CA ASN A 93 -6.97 16.83 13.67
C ASN A 93 -5.93 17.95 13.52
N ALA A 94 -5.79 18.79 14.54
CA ALA A 94 -4.76 19.81 14.55
C ALA A 94 -3.45 19.32 13.90
N PRO A 95 -2.67 20.26 13.35
CA PRO A 95 -1.32 19.99 12.84
C PRO A 95 -0.38 19.48 13.91
N LEU A 96 0.56 18.63 13.50
CA LEU A 96 1.68 18.24 14.34
C LEU A 96 2.70 19.36 14.36
N SER A 97 3.36 19.57 15.50
CA SER A 97 4.57 20.38 15.54
C SER A 97 5.59 19.68 14.64
N ILE A 98 6.70 20.35 14.35
CA ILE A 98 7.69 19.71 13.48
C ILE A 98 8.27 18.57 14.29
N TYR A 99 8.39 18.79 15.60
CA TYR A 99 8.84 17.73 16.51
C TYR A 99 7.98 16.45 16.45
N GLU A 100 6.67 16.61 16.68
CA GLU A 100 5.78 15.46 16.58
C GLU A 100 5.87 14.82 15.20
N ALA A 101 5.92 15.63 14.14
CA ALA A 101 5.90 15.10 12.78
C ALA A 101 7.13 14.24 12.53
N ILE A 102 8.23 14.61 13.18
CA ILE A 102 9.50 13.91 13.00
C ILE A 102 9.53 12.64 13.85
N LYS A 103 9.17 12.77 15.11
CA LYS A 103 9.40 11.70 16.07
C LYS A 103 8.20 10.78 16.18
N GLY A 104 7.15 11.09 15.43
CA GLY A 104 5.92 10.30 15.46
C GLY A 104 5.06 10.61 16.69
N VAL A 105 3.95 9.92 16.80
CA VAL A 105 3.07 10.04 17.94
C VAL A 105 2.41 8.67 18.11
N ASP A 106 1.67 8.52 19.20
CA ASP A 106 0.90 7.33 19.45
C ASP A 106 0.14 6.94 18.18
N GLY A 107 0.60 5.89 17.51
CA GLY A 107 -0.05 5.39 16.33
C GLY A 107 0.60 5.79 15.02
N LEU A 108 1.72 6.51 15.10
CA LEU A 108 2.41 7.00 13.91
C LEU A 108 3.88 6.87 14.15
N ASP A 109 4.50 5.96 13.40
CA ASP A 109 5.93 5.71 13.53
C ASP A 109 6.75 6.97 13.26
N ALA A 110 7.95 6.99 13.80
CA ALA A 110 8.88 8.09 13.59
C ALA A 110 9.27 8.10 12.11
N MET A 111 9.56 9.29 11.57
CA MET A 111 10.12 9.34 10.23
C MET A 111 11.38 8.53 10.19
N GLU A 112 11.80 8.13 9.00
CA GLU A 112 12.99 7.30 8.90
C GLU A 112 14.24 8.11 8.64
N PRO A 113 15.31 7.83 9.38
CA PRO A 113 16.50 8.67 9.41
C PRO A 113 17.50 8.49 8.26
N ASP A 114 17.56 7.32 7.63
CA ASP A 114 18.54 7.13 6.56
C ASP A 114 17.99 6.52 5.25
N THR A 115 16.79 6.93 4.86
CA THR A 115 16.25 6.50 3.59
C THR A 115 16.49 7.61 2.59
N ALA A 116 16.17 7.36 1.32
CA ALA A 116 16.41 8.37 0.30
C ALA A 116 15.82 9.72 0.73
N PRO A 117 16.51 10.81 0.41
CA PRO A 117 16.11 12.15 0.81
C PRO A 117 15.31 12.90 -0.25
N GLY A 118 15.35 12.41 -1.49
CA GLY A 118 14.60 13.06 -2.57
C GLY A 118 15.48 14.04 -3.31
N LEU A 119 14.88 15.08 -3.90
CA LEU A 119 15.64 16.09 -4.65
C LEU A 119 15.29 17.53 -4.26
N PRO A 120 16.23 18.46 -4.45
CA PRO A 120 17.50 18.27 -5.14
C PRO A 120 18.57 17.63 -4.25
N TRP A 121 18.16 17.11 -3.10
CA TRP A 121 19.11 16.62 -2.11
C TRP A 121 19.94 15.47 -2.65
N ALA A 122 19.30 14.58 -3.40
CA ALA A 122 20.02 13.44 -3.93
C ALA A 122 21.25 13.87 -4.73
N LEU A 123 21.11 14.93 -5.52
CA LEU A 123 22.16 15.33 -6.46
C LEU A 123 23.38 16.00 -5.81
N GLN A 124 23.50 15.90 -4.50
CA GLN A 124 24.60 16.55 -3.79
C GLN A 124 25.14 15.63 -2.70
N GLY A 125 24.80 14.36 -2.79
CA GLY A 125 25.25 13.38 -1.81
C GLY A 125 24.43 13.45 -0.54
N LYS A 126 23.95 14.65 -0.23
CA LYS A 126 23.26 14.88 1.04
C LYS A 126 22.27 13.78 1.39
N ARG A 127 22.16 13.49 2.69
CA ARG A 127 21.17 12.55 3.18
C ARG A 127 20.25 13.27 4.17
N ARG A 128 19.22 12.56 4.62
CA ARG A 128 18.28 13.14 5.56
C ARG A 128 18.98 13.68 6.80
N GLY A 129 19.94 12.91 7.31
CA GLY A 129 20.67 13.30 8.51
C GLY A 129 21.40 14.62 8.35
N ALA A 130 21.70 15.00 7.10
CA ALA A 130 22.43 16.24 6.83
C ALA A 130 21.45 17.41 6.70
N LEU A 131 20.16 17.08 6.75
CA LEU A 131 19.09 18.04 6.54
C LEU A 131 18.21 18.13 7.77
N ILE A 132 18.01 16.98 8.42
CA ILE A 132 17.12 16.89 9.57
C ILE A 132 17.83 16.28 10.78
N ASP A 133 17.43 16.71 11.98
CA ASP A 133 17.92 16.09 13.20
C ASP A 133 16.85 15.22 13.85
N PHE A 134 16.95 13.92 13.62
CA PHE A 134 15.97 12.94 14.11
C PHE A 134 16.15 12.65 15.59
N GLU A 135 17.26 13.12 16.14
CA GLU A 135 17.48 13.07 17.57
C GLU A 135 16.39 13.89 18.24
N ASN A 136 16.54 15.21 18.16
CA ASN A 136 15.67 16.15 18.85
C ASN A 136 14.44 16.53 18.08
N GLY A 137 14.36 16.10 16.82
CA GLY A 137 13.24 16.48 15.98
C GLY A 137 13.20 17.95 15.58
N THR A 138 14.35 18.48 15.16
CA THR A 138 14.45 19.82 14.60
C THR A 138 14.99 19.73 13.18
N VAL A 139 14.84 20.80 12.40
CA VAL A 139 15.25 20.77 10.99
C VAL A 139 16.33 21.81 10.63
N GLY A 140 17.17 21.45 9.65
CA GLY A 140 18.19 22.36 9.14
C GLY A 140 17.58 23.41 8.23
N PRO A 141 18.37 24.44 7.89
CA PRO A 141 17.98 25.64 7.13
C PRO A 141 17.32 25.43 5.78
N GLU A 142 17.84 24.54 4.95
CA GLU A 142 17.19 24.27 3.66
C GLU A 142 15.74 23.84 3.91
N VAL A 143 15.55 22.93 4.86
CA VAL A 143 14.21 22.42 5.20
C VAL A 143 13.34 23.50 5.84
N GLU A 144 13.96 24.29 6.72
CA GLU A 144 13.33 25.51 7.29
C GLU A 144 12.74 26.36 6.19
N ALA A 145 13.53 26.59 5.15
CA ALA A 145 13.11 27.40 4.04
C ALA A 145 11.94 26.75 3.32
N ALA A 146 12.13 25.50 2.93
CA ALA A 146 11.13 24.80 2.13
C ALA A 146 9.79 24.92 2.81
N LEU A 147 9.77 24.66 4.10
CA LEU A 147 8.54 24.68 4.89
C LEU A 147 7.82 26.02 4.77
N LYS A 148 8.56 27.11 4.99
CA LYS A 148 7.98 28.45 4.93
C LYS A 148 7.37 28.71 3.54
N LEU A 149 7.99 28.13 2.51
CA LEU A 149 7.44 28.19 1.16
C LEU A 149 6.13 27.40 1.09
N MET A 150 6.10 26.24 1.73
CA MET A 150 4.91 25.41 1.75
C MET A 150 3.79 26.11 2.53
N GLU A 151 4.14 26.64 3.70
CA GLU A 151 3.15 27.36 4.49
C GLU A 151 2.63 28.47 3.61
N LYS A 152 3.45 28.84 2.61
CA LYS A 152 3.11 29.91 1.66
C LYS A 152 2.67 29.37 0.30
N ARG A 153 2.06 28.19 0.27
CA ARG A 153 1.73 27.55 -1.01
C ARG A 153 2.54 28.13 -2.14
N GLU A 154 3.82 27.74 -2.21
CA GLU A 154 4.74 28.27 -3.22
C GLU A 154 5.88 27.28 -3.45
N TYR A 155 5.71 26.05 -2.99
CA TYR A 155 6.78 25.08 -3.07
C TYR A 155 6.58 24.11 -4.25
N LYS A 156 7.61 23.95 -5.06
CA LYS A 156 7.61 23.00 -6.15
C LYS A 156 8.67 21.92 -5.89
N PHE A 157 8.47 20.73 -6.47
CA PHE A 157 9.36 19.61 -6.27
C PHE A 157 9.27 18.63 -7.43
N ALA A 158 10.10 17.60 -7.41
CA ALA A 158 10.02 16.55 -8.41
C ALA A 158 10.15 15.18 -7.73
N CYS A 159 9.45 14.19 -8.26
CA CYS A 159 9.63 12.83 -7.78
C CYS A 159 10.85 12.22 -8.42
N GLN A 160 11.46 11.29 -7.71
CA GLN A 160 12.64 10.62 -8.20
C GLN A 160 12.32 9.15 -8.40
N THR A 161 12.59 8.62 -9.59
CA THR A 161 12.18 7.26 -9.91
C THR A 161 13.23 6.22 -9.55
N PHE A 162 12.82 5.21 -8.79
CA PHE A 162 13.68 4.05 -8.59
C PHE A 162 12.97 2.81 -9.12
N LEU A 163 13.76 1.89 -9.67
CA LEU A 163 13.28 0.60 -10.12
C LEU A 163 13.21 -0.35 -8.95
N LYS A 164 12.01 -0.68 -8.51
CA LYS A 164 11.89 -1.51 -7.34
C LYS A 164 12.65 -2.83 -7.50
N ASP A 165 13.60 -3.06 -6.60
CA ASP A 165 14.39 -4.28 -6.62
C ASP A 165 13.75 -5.38 -5.76
N GLU A 166 12.89 -6.18 -6.36
CA GLU A 166 12.12 -7.16 -5.60
C GLU A 166 11.95 -8.45 -6.37
N ILE A 167 11.44 -9.47 -5.71
CA ILE A 167 11.17 -10.72 -6.38
C ILE A 167 9.83 -10.66 -7.16
N ARG A 168 9.76 -11.33 -8.30
CA ARG A 168 8.50 -11.34 -9.05
C ARG A 168 8.28 -12.62 -9.83
N PRO A 169 7.01 -12.89 -10.17
CA PRO A 169 6.69 -13.99 -11.07
C PRO A 169 7.47 -13.86 -12.36
N MET A 170 8.18 -14.92 -12.71
CA MET A 170 8.98 -14.97 -13.91
C MET A 170 8.35 -14.35 -15.15
N GLU A 171 7.03 -14.54 -15.31
CA GLU A 171 6.39 -14.03 -16.51
C GLU A 171 6.47 -12.51 -16.54
N LYS A 172 6.34 -11.89 -15.37
CA LYS A 172 6.42 -10.43 -15.28
C LYS A 172 7.87 -9.95 -15.44
N VAL A 173 8.80 -10.72 -14.89
CA VAL A 173 10.22 -10.41 -15.05
C VAL A 173 10.60 -10.48 -16.52
N ARG A 174 10.22 -11.58 -17.16
CA ARG A 174 10.54 -11.79 -18.57
C ARG A 174 9.77 -10.83 -19.49
N ALA A 175 8.85 -10.06 -18.93
CA ALA A 175 8.08 -9.09 -19.70
C ALA A 175 8.53 -7.67 -19.44
N GLY A 176 9.48 -7.52 -18.52
CA GLY A 176 9.97 -6.19 -18.13
C GLY A 176 9.01 -5.39 -17.28
N LYS A 177 8.08 -6.06 -16.61
CA LYS A 177 7.18 -5.35 -15.72
C LYS A 177 7.84 -5.17 -14.34
N THR A 178 8.87 -4.33 -14.30
CA THR A 178 9.53 -3.98 -13.06
C THR A 178 8.76 -2.79 -12.51
N ARG A 179 8.48 -2.78 -11.21
CA ARG A 179 7.72 -1.70 -10.57
C ARG A 179 8.64 -0.56 -10.17
N ILE A 180 8.10 0.66 -10.16
CA ILE A 180 8.92 1.82 -9.84
C ILE A 180 8.50 2.53 -8.55
N VAL A 181 9.46 3.16 -7.89
CA VAL A 181 9.24 3.87 -6.64
C VAL A 181 9.44 5.37 -6.82
N ASP A 182 8.47 6.17 -6.43
CA ASP A 182 8.63 7.61 -6.57
C ASP A 182 9.07 8.20 -5.25
N VAL A 183 10.32 8.64 -5.19
CA VAL A 183 10.83 9.24 -3.95
C VAL A 183 10.60 10.73 -3.93
N LEU A 184 9.77 11.16 -2.99
CA LEU A 184 9.49 12.58 -2.82
C LEU A 184 10.56 13.23 -1.96
N PRO A 185 10.60 14.58 -1.98
CA PRO A 185 11.53 15.26 -1.11
C PRO A 185 11.21 14.97 0.36
N VAL A 186 12.26 14.79 1.16
CA VAL A 186 12.09 14.51 2.57
C VAL A 186 11.32 15.59 3.32
N GLU A 187 11.33 16.82 2.80
CA GLU A 187 10.59 17.91 3.43
C GLU A 187 9.09 17.87 3.14
N HIS A 188 8.73 17.34 1.96
CA HIS A 188 7.32 17.14 1.58
C HIS A 188 6.67 16.09 2.48
N ILE A 189 7.43 15.06 2.76
CA ILE A 189 6.96 14.03 3.64
C ILE A 189 6.73 14.63 5.02
N LEU A 190 7.70 15.42 5.48
CA LEU A 190 7.59 16.12 6.76
C LEU A 190 6.32 16.94 6.86
N TYR A 191 6.05 17.73 5.83
CA TYR A 191 4.95 18.70 5.89
C TYR A 191 3.56 18.07 5.73
N THR A 192 3.47 17.03 4.91
CA THR A 192 2.27 16.19 4.87
C THR A 192 2.02 15.65 6.26
N ARG A 193 3.00 14.92 6.80
CA ARG A 193 2.91 14.44 8.18
C ARG A 193 2.42 15.54 9.14
N MET A 194 2.96 16.75 9.02
CA MET A 194 2.49 17.87 9.82
C MET A 194 1.01 18.15 9.59
N MET A 195 0.58 18.17 8.32
CA MET A 195 -0.78 18.54 7.98
C MET A 195 -1.76 17.41 8.26
N ILE A 196 -1.35 16.17 8.08
CA ILE A 196 -2.30 15.06 8.25
C ILE A 196 -1.82 13.94 9.17
N GLY A 197 -0.72 14.17 9.87
CA GLY A 197 -0.23 13.23 10.89
C GLY A 197 -1.21 12.79 11.97
N ARG A 198 -1.83 13.72 12.71
CA ARG A 198 -2.68 13.20 13.80
C ARG A 198 -3.89 12.41 13.26
N PHE A 199 -4.55 12.92 12.24
CA PHE A 199 -5.53 12.11 11.51
C PHE A 199 -4.98 10.71 11.19
N CYS A 200 -3.79 10.64 10.61
CA CYS A 200 -3.20 9.35 10.29
C CYS A 200 -3.08 8.42 11.48
N ALA A 201 -2.55 8.92 12.59
CA ALA A 201 -2.35 8.10 13.78
C ALA A 201 -3.67 7.56 14.24
N GLN A 202 -4.70 8.40 14.16
CA GLN A 202 -6.03 7.95 14.52
C GLN A 202 -6.56 6.86 13.58
N MET A 203 -6.28 7.00 12.27
CA MET A 203 -6.62 5.96 11.31
C MET A 203 -6.00 4.67 11.77
N HIS A 204 -4.68 4.68 11.98
CA HIS A 204 -4.00 3.45 12.35
C HIS A 204 -4.58 2.80 13.61
N SER A 205 -4.90 3.62 14.62
CA SER A 205 -5.34 3.10 15.92
C SER A 205 -6.74 2.55 15.87
N ASN A 206 -7.51 2.97 14.86
CA ASN A 206 -8.90 2.55 14.75
C ASN A 206 -9.13 1.72 13.52
N ASN A 207 -8.06 1.07 13.04
CA ASN A 207 -8.19 0.29 11.83
C ASN A 207 -9.31 -0.74 11.99
N GLY A 208 -10.08 -0.98 10.92
CA GLY A 208 -11.17 -1.94 11.00
C GLY A 208 -12.23 -1.69 9.95
N PRO A 209 -13.25 -2.57 9.90
CA PRO A 209 -14.34 -2.46 8.96
C PRO A 209 -15.12 -1.17 9.15
N GLN A 210 -15.22 -0.71 10.39
CA GLN A 210 -16.06 0.45 10.63
C GLN A 210 -15.59 1.63 9.80
N ILE A 211 -14.28 1.75 9.62
CA ILE A 211 -13.78 2.85 8.79
C ILE A 211 -13.31 2.36 7.44
N GLY A 212 -13.38 1.05 7.22
CA GLY A 212 -12.98 0.42 5.96
C GLY A 212 -11.48 0.44 5.70
N SER A 213 -10.67 0.37 6.75
CA SER A 213 -9.24 0.53 6.62
C SER A 213 -8.47 -0.45 7.50
N ALA A 214 -7.47 -1.12 6.93
CA ALA A 214 -6.62 -2.02 7.70
C ALA A 214 -5.19 -1.51 7.85
N VAL A 215 -4.94 -0.27 7.44
CA VAL A 215 -3.61 0.31 7.60
C VAL A 215 -3.29 0.39 9.08
N GLY A 216 -2.12 -0.09 9.49
CA GLY A 216 -1.76 -0.15 10.90
C GLY A 216 -2.18 -1.44 11.62
N CYS A 217 -2.93 -2.32 10.95
CA CYS A 217 -3.28 -3.61 11.57
C CYS A 217 -2.03 -4.47 11.74
N ASN A 218 -2.17 -5.55 12.49
CA ASN A 218 -1.15 -6.57 12.59
C ASN A 218 -1.85 -7.89 12.31
N PRO A 219 -1.58 -8.50 11.15
CA PRO A 219 -2.45 -9.60 10.70
C PRO A 219 -2.56 -10.73 11.72
N ASP A 220 -1.48 -11.01 12.43
CA ASP A 220 -1.44 -12.05 13.46
C ASP A 220 -2.52 -11.93 14.52
N VAL A 221 -2.78 -10.71 14.94
CA VAL A 221 -3.72 -10.47 15.98
C VAL A 221 -5.08 -10.12 15.38
N ASP A 222 -5.09 -9.47 14.21
CA ASP A 222 -6.30 -8.84 13.73
C ASP A 222 -7.07 -9.78 12.83
N TRP A 223 -6.40 -10.77 12.26
CA TRP A 223 -7.12 -11.74 11.46
C TRP A 223 -8.40 -12.22 12.18
N GLN A 224 -8.27 -12.62 13.44
CA GLN A 224 -9.42 -13.10 14.20
C GLN A 224 -10.53 -12.08 14.21
N ARG A 225 -10.18 -10.82 14.41
CA ARG A 225 -11.15 -9.74 14.41
C ARG A 225 -11.75 -9.58 13.02
N PHE A 226 -10.92 -9.67 11.97
CA PHE A 226 -11.44 -9.38 10.63
C PHE A 226 -12.32 -10.50 10.16
N GLY A 227 -11.85 -11.72 10.38
CA GLY A 227 -12.56 -12.92 9.96
C GLY A 227 -13.95 -13.04 10.57
N THR A 228 -14.07 -12.79 11.85
CA THR A 228 -15.38 -12.99 12.45
C THR A 228 -16.37 -11.99 11.84
N HIS A 229 -15.92 -10.75 11.61
CA HIS A 229 -16.79 -9.76 11.02
C HIS A 229 -17.31 -10.19 9.64
N PHE A 230 -16.40 -10.59 8.76
CA PHE A 230 -16.80 -10.86 7.39
C PHE A 230 -17.52 -12.17 7.28
N ALA A 231 -17.30 -13.06 8.26
CA ALA A 231 -17.95 -14.37 8.22
C ALA A 231 -19.47 -14.27 8.39
N GLN A 232 -19.95 -13.09 8.80
CA GLN A 232 -21.37 -12.92 9.11
C GLN A 232 -22.18 -12.48 7.91
N TYR A 233 -21.55 -12.36 6.75
CA TYR A 233 -22.24 -11.84 5.57
C TYR A 233 -22.50 -12.91 4.51
N ARG A 234 -23.59 -12.75 3.77
CA ARG A 234 -23.96 -13.75 2.78
C ARG A 234 -22.96 -13.75 1.63
N ASN A 235 -22.51 -12.55 1.24
CA ASN A 235 -21.59 -12.42 0.13
C ASN A 235 -20.31 -11.69 0.55
N VAL A 236 -19.18 -12.21 0.08
CA VAL A 236 -17.93 -11.53 0.26
C VAL A 236 -17.24 -11.55 -1.08
N TRP A 237 -16.60 -10.43 -1.41
CA TRP A 237 -15.90 -10.33 -2.67
C TRP A 237 -14.43 -10.00 -2.49
N ASP A 238 -13.61 -10.69 -3.26
CA ASP A 238 -12.18 -10.46 -3.38
C ASP A 238 -12.03 -9.70 -4.69
N VAL A 239 -12.07 -8.37 -4.62
CA VAL A 239 -12.05 -7.52 -5.80
C VAL A 239 -10.66 -7.06 -6.11
N ASP A 240 -10.15 -7.37 -7.29
CA ASP A 240 -8.83 -6.88 -7.69
C ASP A 240 -8.88 -5.67 -8.62
N TYR A 241 -7.88 -4.81 -8.49
CA TYR A 241 -7.71 -3.65 -9.35
C TYR A 241 -6.48 -3.87 -10.21
N SER A 242 -6.39 -3.09 -11.27
CA SER A 242 -5.26 -3.15 -12.18
C SER A 242 -4.59 -1.78 -12.22
N ALA A 243 -3.35 -1.71 -11.76
CA ALA A 243 -2.66 -0.42 -11.60
C ALA A 243 -3.54 0.61 -10.90
N PHE A 244 -4.05 0.25 -9.73
CA PHE A 244 -4.91 1.13 -8.89
C PHE A 244 -4.32 2.53 -8.68
N ASP A 245 -3.07 2.57 -8.25
CA ASP A 245 -2.41 3.80 -7.85
C ASP A 245 -2.26 4.79 -9.00
N ALA A 246 -2.01 4.26 -10.19
CA ALA A 246 -1.70 5.10 -11.34
C ALA A 246 -2.97 5.58 -12.01
N ASN A 247 -4.07 4.90 -11.76
CA ASN A 247 -5.30 5.24 -12.47
C ASN A 247 -6.26 6.11 -11.67
N HIS A 248 -5.81 6.63 -10.52
CA HIS A 248 -6.64 7.61 -9.82
C HIS A 248 -6.68 8.82 -10.75
N CYS A 249 -7.84 9.39 -11.00
CA CYS A 249 -7.91 10.52 -11.93
C CYS A 249 -7.89 11.86 -11.16
N SER A 250 -7.41 12.93 -11.79
CA SER A 250 -7.36 14.24 -11.14
C SER A 250 -8.68 14.64 -10.48
N ASP A 251 -9.78 14.31 -11.14
CA ASP A 251 -11.10 14.69 -10.68
C ASP A 251 -11.31 14.04 -9.32
N ALA A 252 -11.26 12.72 -9.29
CA ALA A 252 -11.41 11.95 -8.05
C ALA A 252 -10.45 12.40 -6.94
N MET A 253 -9.16 12.39 -7.21
CA MET A 253 -8.18 12.86 -6.24
C MET A 253 -8.54 14.25 -5.72
N ASN A 254 -8.64 15.23 -6.62
CA ASN A 254 -8.98 16.59 -6.21
C ASN A 254 -10.26 16.64 -5.38
N ILE A 255 -11.30 15.96 -5.81
CA ILE A 255 -12.55 15.98 -5.05
C ILE A 255 -12.42 15.30 -3.68
N MET A 256 -11.63 14.24 -3.59
CA MET A 256 -11.46 13.56 -2.31
C MET A 256 -10.76 14.48 -1.34
N PHE A 257 -9.66 15.08 -1.78
CA PHE A 257 -8.93 15.99 -0.92
C PHE A 257 -9.84 17.06 -0.34
N GLU A 258 -10.70 17.62 -1.20
CA GLU A 258 -11.58 18.73 -0.84
C GLU A 258 -12.68 18.38 0.15
N GLU A 259 -13.15 17.14 0.12
CA GLU A 259 -14.21 16.72 1.02
C GLU A 259 -13.72 16.14 2.33
N VAL A 260 -12.61 15.40 2.29
CA VAL A 260 -12.19 14.66 3.50
C VAL A 260 -11.34 15.51 4.45
N PHE A 261 -10.66 16.51 3.90
CA PHE A 261 -9.63 17.22 4.66
C PHE A 261 -10.00 18.67 4.94
N ARG A 262 -11.28 18.91 5.18
CA ARG A 262 -11.82 20.24 5.36
C ARG A 262 -11.52 20.79 6.74
N THR A 263 -11.36 22.11 6.82
CA THR A 263 -11.05 22.74 8.07
C THR A 263 -12.20 22.51 9.05
N GLU A 264 -13.43 22.44 8.56
CA GLU A 264 -14.56 22.21 9.47
C GLU A 264 -14.29 20.93 10.24
N PHE A 265 -13.42 20.08 9.70
CA PHE A 265 -13.05 18.82 10.35
C PHE A 265 -11.80 18.99 11.18
N GLY A 266 -11.30 20.22 11.24
CA GLY A 266 -10.20 20.51 12.16
C GLY A 266 -8.84 20.45 11.51
N PHE A 267 -8.80 20.24 10.20
CA PHE A 267 -7.54 20.24 9.47
C PHE A 267 -7.04 21.67 9.22
N HIS A 268 -5.72 21.85 9.31
CA HIS A 268 -5.14 23.08 8.82
C HIS A 268 -5.57 23.23 7.36
N PRO A 269 -5.64 24.48 6.87
CA PRO A 269 -6.07 24.77 5.50
C PRO A 269 -5.11 24.21 4.45
N ASN A 270 -3.82 24.17 4.76
CA ASN A 270 -2.85 23.65 3.79
C ASN A 270 -2.86 22.13 3.71
N ALA A 271 -3.81 21.51 4.39
CA ALA A 271 -3.88 20.07 4.35
C ALA A 271 -4.35 19.69 2.96
N GLU A 272 -5.47 20.26 2.54
CA GLU A 272 -5.93 20.07 1.19
C GLU A 272 -4.84 20.42 0.19
N TRP A 273 -4.20 21.56 0.39
CA TRP A 273 -3.19 22.03 -0.54
C TRP A 273 -2.03 21.04 -0.74
N ILE A 274 -1.38 20.64 0.34
CA ILE A 274 -0.22 19.76 0.19
C ILE A 274 -0.58 18.46 -0.49
N LEU A 275 -1.76 17.93 -0.18
CA LEU A 275 -2.24 16.73 -0.86
C LEU A 275 -2.44 16.96 -2.36
N LYS A 276 -2.97 18.11 -2.74
CA LYS A 276 -3.22 18.34 -4.17
C LYS A 276 -1.96 18.34 -5.04
N THR A 277 -0.83 18.75 -4.47
CA THR A 277 0.42 18.79 -5.22
C THR A 277 0.78 17.41 -5.74
N LEU A 278 0.07 16.37 -5.29
CA LEU A 278 0.37 15.02 -5.74
C LEU A 278 -0.28 14.73 -7.08
N VAL A 279 -1.20 15.60 -7.50
CA VAL A 279 -2.00 15.35 -8.69
C VAL A 279 -1.16 15.41 -9.96
N ASN A 280 -0.55 16.56 -10.23
CA ASN A 280 0.38 16.69 -11.37
C ASN A 280 1.84 16.84 -10.93
N THR A 281 2.66 15.85 -11.28
CA THR A 281 4.01 15.75 -10.76
C THR A 281 5.06 15.62 -11.85
N GLU A 282 6.29 15.94 -11.50
CA GLU A 282 7.41 15.75 -12.40
C GLU A 282 8.28 14.61 -11.88
N HIS A 283 8.55 13.64 -12.72
CA HIS A 283 9.35 12.50 -12.31
C HIS A 283 10.69 12.58 -13.00
N ALA A 284 11.75 12.23 -12.30
CA ALA A 284 13.09 12.32 -12.86
C ALA A 284 13.68 10.93 -13.00
N TYR A 285 13.77 10.47 -14.23
CA TYR A 285 14.33 9.17 -14.52
C TYR A 285 15.65 9.37 -15.27
N GLU A 286 16.75 9.10 -14.59
CA GLU A 286 18.05 9.31 -15.17
C GLU A 286 18.13 10.72 -15.76
N ASN A 287 18.33 10.82 -17.07
CA ASN A 287 18.44 12.12 -17.71
C ASN A 287 17.08 12.73 -18.00
N LYS A 288 16.04 11.90 -17.97
CA LYS A 288 14.71 12.33 -18.39
C LYS A 288 13.91 12.98 -17.27
N ARG A 289 13.11 13.98 -17.65
CA ARG A 289 12.11 14.54 -16.76
C ARG A 289 10.75 14.36 -17.43
N ILE A 290 9.71 14.20 -16.64
CA ILE A 290 8.44 13.69 -17.14
C ILE A 290 7.24 14.22 -16.36
N THR A 291 6.34 14.91 -17.05
CA THR A 291 5.17 15.50 -16.40
C THR A 291 3.97 14.57 -16.51
N VAL A 292 3.28 14.38 -15.39
CA VAL A 292 2.12 13.49 -15.37
C VAL A 292 0.96 14.18 -14.68
N GLU A 293 -0.25 13.92 -15.18
CA GLU A 293 -1.47 14.37 -14.53
C GLU A 293 -2.25 13.12 -14.13
N GLY A 294 -2.68 13.08 -12.87
CA GLY A 294 -3.38 11.92 -12.36
C GLY A 294 -2.41 10.93 -11.74
N GLY A 295 -2.94 10.02 -10.92
CA GLY A 295 -2.13 9.01 -10.28
C GLY A 295 -1.60 9.51 -8.95
N ILE A 296 -1.06 8.60 -8.16
CA ILE A 296 -0.52 8.99 -6.87
C ILE A 296 0.88 8.40 -6.77
N PRO A 297 1.88 9.24 -6.42
CA PRO A 297 3.24 8.71 -6.33
C PRO A 297 3.38 7.79 -5.11
N SER A 298 4.30 6.84 -5.16
CA SER A 298 4.35 5.75 -4.18
C SER A 298 4.91 6.14 -2.79
N GLY A 299 5.80 7.13 -2.76
CA GLY A 299 6.52 7.40 -1.53
C GLY A 299 6.01 8.60 -0.76
N CYS A 300 4.89 9.16 -1.20
CA CYS A 300 4.26 10.21 -0.44
C CYS A 300 3.94 9.64 0.93
N SER A 301 4.21 10.42 1.97
CA SER A 301 3.90 10.02 3.34
C SER A 301 2.68 9.12 3.43
N ALA A 302 1.61 9.57 2.81
CA ALA A 302 0.30 9.04 3.14
C ALA A 302 -0.30 8.28 1.96
N THR A 303 0.54 7.59 1.20
CA THR A 303 0.09 6.87 0.01
C THR A 303 -0.92 5.79 0.38
N SER A 304 -0.58 4.95 1.35
CA SER A 304 -1.48 3.87 1.76
C SER A 304 -2.82 4.36 2.28
N ILE A 305 -2.79 5.42 3.08
CA ILE A 305 -4.02 6.02 3.56
C ILE A 305 -4.85 6.65 2.42
N ILE A 306 -4.21 7.48 1.60
CA ILE A 306 -4.88 8.06 0.43
C ILE A 306 -5.54 6.98 -0.43
N ASN A 307 -4.77 5.98 -0.81
CA ASN A 307 -5.31 4.84 -1.54
C ASN A 307 -6.52 4.20 -0.85
N THR A 308 -6.36 3.90 0.44
CA THR A 308 -7.41 3.29 1.20
C THR A 308 -8.69 4.14 1.22
N ILE A 309 -8.53 5.45 1.33
CA ILE A 309 -9.68 6.33 1.37
C ILE A 309 -10.35 6.34 -0.02
N LEU A 310 -9.56 6.46 -1.08
CA LEU A 310 -10.12 6.40 -2.42
C LEU A 310 -10.88 5.07 -2.62
N ASN A 311 -10.23 3.97 -2.27
CA ASN A 311 -10.83 2.65 -2.37
C ASN A 311 -12.21 2.65 -1.74
N ASN A 312 -12.31 3.12 -0.49
CA ASN A 312 -13.62 3.18 0.16
C ASN A 312 -14.61 4.02 -0.64
N ILE A 313 -14.14 5.15 -1.15
CA ILE A 313 -15.03 6.06 -1.88
C ILE A 313 -15.46 5.48 -3.22
N TYR A 314 -14.53 4.82 -3.92
CA TYR A 314 -14.84 4.19 -5.20
C TYR A 314 -15.98 3.22 -5.08
N VAL A 315 -15.95 2.43 -4.01
CA VAL A 315 -16.99 1.42 -3.82
C VAL A 315 -18.37 2.07 -3.59
N LEU A 316 -18.44 3.07 -2.71
CA LEU A 316 -19.67 3.83 -2.50
C LEU A 316 -20.21 4.41 -3.83
N TYR A 317 -19.31 5.01 -4.61
CA TYR A 317 -19.64 5.66 -5.86
C TYR A 317 -20.14 4.64 -6.88
N ALA A 318 -19.36 3.59 -7.10
CA ALA A 318 -19.74 2.56 -8.07
C ALA A 318 -21.11 2.02 -7.80
N LEU A 319 -21.41 1.79 -6.52
CA LEU A 319 -22.70 1.20 -6.15
C LEU A 319 -23.81 2.24 -6.32
N ARG A 320 -23.58 3.43 -5.80
CA ARG A 320 -24.59 4.44 -5.93
C ARG A 320 -24.91 4.70 -7.38
N ARG A 321 -23.96 4.40 -8.26
CA ARG A 321 -24.11 4.78 -9.65
C ARG A 321 -24.95 3.77 -10.36
N HIS A 322 -25.08 2.59 -9.76
CA HIS A 322 -25.85 1.51 -10.36
C HIS A 322 -27.17 1.27 -9.64
N TYR A 323 -27.16 1.34 -8.31
CA TYR A 323 -28.39 1.09 -7.54
C TYR A 323 -28.93 2.35 -6.92
N GLU A 324 -30.17 2.27 -6.45
CA GLU A 324 -30.81 3.36 -5.72
C GLU A 324 -30.82 2.96 -4.24
N GLY A 325 -30.84 3.95 -3.35
CA GLY A 325 -30.94 3.67 -1.93
C GLY A 325 -29.68 3.09 -1.29
N VAL A 326 -28.57 3.03 -2.01
CA VAL A 326 -27.33 2.54 -1.39
C VAL A 326 -26.77 3.50 -0.34
N GLU A 327 -26.59 2.99 0.87
CA GLU A 327 -25.94 3.75 1.93
C GLU A 327 -24.70 3.04 2.42
N LEU A 328 -23.99 3.66 3.37
CA LEU A 328 -22.76 3.07 3.91
C LEU A 328 -22.97 1.70 4.55
N ASP A 329 -24.18 1.37 4.97
CA ASP A 329 -24.37 0.04 5.56
C ASP A 329 -25.01 -0.94 4.60
N THR A 330 -25.25 -0.53 3.36
CA THR A 330 -25.68 -1.47 2.36
C THR A 330 -24.61 -2.53 2.21
N TYR A 331 -23.40 -2.24 2.70
CA TYR A 331 -22.27 -3.15 2.54
C TYR A 331 -21.21 -2.86 3.60
N THR A 332 -20.22 -3.75 3.70
CA THR A 332 -19.05 -3.55 4.54
C THR A 332 -17.71 -3.91 3.82
N MET A 333 -16.63 -3.20 4.14
CA MET A 333 -15.33 -3.48 3.53
C MET A 333 -14.16 -3.09 4.40
N ILE A 334 -13.01 -3.63 4.09
CA ILE A 334 -11.79 -3.13 4.67
C ILE A 334 -10.78 -3.13 3.55
N SER A 335 -9.97 -2.09 3.47
CA SER A 335 -8.94 -2.09 2.48
C SER A 335 -7.60 -1.60 3.03
N TYR A 336 -6.55 -1.89 2.26
CA TYR A 336 -5.19 -1.48 2.56
C TYR A 336 -4.58 -1.07 1.22
N GLY A 337 -4.64 0.23 0.92
CA GLY A 337 -4.29 0.69 -0.41
C GLY A 337 -5.28 0.08 -1.39
N ASP A 338 -4.78 -0.59 -2.43
CA ASP A 338 -5.65 -1.14 -3.46
C ASP A 338 -6.26 -2.48 -3.06
N ASP A 339 -5.68 -3.11 -2.06
CA ASP A 339 -6.13 -4.40 -1.59
C ASP A 339 -7.46 -4.22 -0.85
N ILE A 340 -8.45 -5.04 -1.17
CA ILE A 340 -9.80 -4.83 -0.65
C ILE A 340 -10.62 -6.10 -0.41
N VAL A 341 -11.35 -6.16 0.70
CA VAL A 341 -12.43 -7.12 0.84
C VAL A 341 -13.76 -6.39 1.08
N VAL A 342 -14.78 -6.78 0.33
CA VAL A 342 -16.14 -6.26 0.46
C VAL A 342 -17.08 -7.40 0.82
N ALA A 343 -18.23 -7.05 1.40
CA ALA A 343 -19.21 -8.05 1.80
C ALA A 343 -20.55 -7.37 2.10
N SER A 344 -21.62 -8.15 1.96
CA SER A 344 -22.98 -7.62 1.93
C SER A 344 -23.92 -8.80 1.99
N ASP A 345 -25.11 -8.58 2.52
CA ASP A 345 -26.14 -9.61 2.47
C ASP A 345 -26.95 -9.42 1.20
N TYR A 346 -26.83 -8.23 0.62
CA TYR A 346 -27.44 -7.99 -0.68
C TYR A 346 -26.66 -8.72 -1.75
N ASP A 347 -27.36 -9.14 -2.80
CA ASP A 347 -26.70 -9.79 -3.91
C ASP A 347 -26.24 -8.78 -4.96
N LEU A 348 -25.30 -7.92 -4.58
CA LEU A 348 -24.77 -6.91 -5.50
C LEU A 348 -24.07 -7.47 -6.74
N ASP A 349 -24.36 -6.87 -7.88
CA ASP A 349 -23.75 -7.34 -9.10
C ASP A 349 -22.46 -6.62 -9.40
N PHE A 350 -21.35 -7.15 -8.91
CA PHE A 350 -20.09 -6.49 -9.16
C PHE A 350 -19.76 -6.50 -10.63
N GLU A 351 -20.19 -7.55 -11.32
CA GLU A 351 -19.95 -7.58 -12.74
C GLU A 351 -20.57 -6.35 -13.37
N ALA A 352 -21.77 -6.00 -12.94
CA ALA A 352 -22.39 -4.79 -13.49
C ALA A 352 -21.66 -3.53 -13.00
N LEU A 353 -21.05 -3.61 -11.82
CA LEU A 353 -20.36 -2.44 -11.26
C LEU A 353 -19.15 -2.03 -12.10
N LYS A 354 -18.67 -2.96 -12.91
CA LYS A 354 -17.43 -2.77 -13.63
C LYS A 354 -17.37 -1.49 -14.49
N PRO A 355 -18.45 -1.18 -15.23
CA PRO A 355 -18.45 0.09 -15.98
C PRO A 355 -18.39 1.31 -15.09
N HIS A 356 -19.09 1.28 -13.97
CA HIS A 356 -19.05 2.41 -13.02
C HIS A 356 -17.67 2.73 -12.47
N PHE A 357 -16.90 1.70 -12.14
CA PHE A 357 -15.51 1.91 -11.75
C PHE A 357 -14.73 2.49 -12.93
N LYS A 358 -15.17 2.15 -14.15
CA LYS A 358 -14.49 2.61 -15.35
C LYS A 358 -14.62 4.11 -15.51
N SER A 359 -15.72 4.67 -15.03
CA SER A 359 -15.91 6.10 -15.13
C SER A 359 -14.80 6.80 -14.35
N LEU A 360 -14.25 6.11 -13.35
CA LEU A 360 -13.17 6.66 -12.52
C LEU A 360 -11.77 6.31 -13.03
N GLY A 361 -11.69 5.59 -14.14
CA GLY A 361 -10.40 5.12 -14.62
C GLY A 361 -9.98 3.78 -14.04
N GLN A 362 -10.83 3.17 -13.23
CA GLN A 362 -10.48 1.93 -12.52
C GLN A 362 -11.06 0.66 -13.17
N THR A 363 -10.21 -0.34 -13.39
CA THR A 363 -10.63 -1.64 -13.89
C THR A 363 -10.67 -2.67 -12.76
N ILE A 364 -11.84 -3.23 -12.46
CA ILE A 364 -11.92 -4.27 -11.45
C ILE A 364 -12.11 -5.65 -12.08
N THR A 365 -11.55 -6.67 -11.44
CA THR A 365 -11.73 -8.03 -11.83
C THR A 365 -11.69 -8.84 -10.55
N PRO A 366 -12.14 -10.10 -10.62
CA PRO A 366 -12.25 -10.92 -9.44
C PRO A 366 -10.90 -11.54 -9.11
N ALA A 367 -10.49 -11.46 -7.85
CA ALA A 367 -9.28 -12.15 -7.41
C ALA A 367 -9.37 -13.60 -7.90
N ASP A 368 -10.53 -14.19 -7.68
CA ASP A 368 -10.77 -15.58 -8.06
C ASP A 368 -10.26 -15.82 -9.45
N LYS A 369 -9.00 -16.25 -9.52
CA LYS A 369 -8.31 -16.50 -10.79
C LYS A 369 -8.86 -15.59 -11.89
N SER A 370 -8.56 -15.91 -13.13
CA SER A 370 -9.13 -15.17 -14.24
C SER A 370 -10.55 -15.66 -14.54
N ASP A 371 -11.31 -15.96 -13.48
CA ASP A 371 -12.61 -16.60 -13.66
C ASP A 371 -13.59 -15.82 -14.55
N LYS A 372 -14.73 -16.43 -14.83
CA LYS A 372 -15.77 -15.82 -15.64
C LYS A 372 -16.57 -14.80 -14.84
N GLY A 373 -15.89 -13.81 -14.27
CA GLY A 373 -16.57 -12.66 -13.67
C GLY A 373 -16.92 -12.87 -12.21
N PHE A 374 -17.44 -11.83 -11.57
CA PHE A 374 -17.77 -11.92 -10.16
C PHE A 374 -18.96 -12.82 -9.93
N VAL A 375 -18.90 -13.64 -8.88
CA VAL A 375 -20.02 -14.52 -8.54
C VAL A 375 -20.50 -14.25 -7.11
N LEU A 376 -21.66 -14.84 -6.76
CA LEU A 376 -22.24 -14.60 -5.44
C LEU A 376 -21.89 -15.73 -4.47
N GLY A 377 -22.12 -15.50 -3.19
CA GLY A 377 -22.00 -16.55 -2.19
C GLY A 377 -20.60 -16.96 -1.75
N HIS A 378 -19.56 -16.23 -2.16
CA HIS A 378 -18.23 -16.55 -1.63
C HIS A 378 -18.16 -16.26 -0.14
N SER A 379 -17.27 -16.94 0.54
CA SER A 379 -17.14 -16.80 1.98
C SER A 379 -15.77 -16.17 2.32
N ILE A 380 -15.54 -15.84 3.58
CA ILE A 380 -14.30 -15.20 3.96
C ILE A 380 -13.11 -16.17 3.85
N THR A 381 -13.36 -17.44 4.10
CA THR A 381 -12.35 -18.48 3.91
C THR A 381 -12.03 -18.71 2.42
N ASP A 382 -12.66 -17.95 1.52
CA ASP A 382 -12.31 -18.05 0.11
C ASP A 382 -11.40 -16.90 -0.36
N VAL A 383 -11.28 -15.85 0.44
CA VAL A 383 -10.53 -14.72 -0.06
C VAL A 383 -9.09 -14.59 0.48
N THR A 384 -8.34 -13.75 -0.21
CA THR A 384 -7.04 -13.31 0.22
C THR A 384 -7.10 -11.80 0.52
N PHE A 385 -6.43 -11.39 1.58
CA PHE A 385 -6.22 -9.98 1.88
C PHE A 385 -4.78 -9.88 2.39
N LEU A 386 -4.04 -8.90 1.90
CA LEU A 386 -2.61 -8.78 2.21
C LEU A 386 -1.86 -10.11 1.96
N LYS A 387 -2.21 -10.82 0.89
CA LYS A 387 -1.55 -12.09 0.54
C LYS A 387 -1.71 -13.16 1.61
N ARG A 388 -2.75 -13.02 2.42
CA ARG A 388 -3.07 -14.02 3.40
C ARG A 388 -4.50 -14.52 3.27
N HIS A 389 -4.65 -15.83 3.42
CA HIS A 389 -5.96 -16.44 3.54
C HIS A 389 -6.44 -16.30 4.97
N PHE A 390 -7.76 -16.37 5.15
CA PHE A 390 -8.32 -16.50 6.47
C PHE A 390 -8.66 -17.96 6.69
N HIS A 391 -7.84 -18.65 7.48
CA HIS A 391 -8.12 -20.05 7.83
C HIS A 391 -8.38 -20.11 9.32
N MET A 392 -9.15 -21.10 9.71
CA MET A 392 -9.46 -21.37 11.11
C MET A 392 -8.31 -22.13 11.75
N ASP A 393 -7.81 -21.64 12.88
CA ASP A 393 -6.76 -22.37 13.59
C ASP A 393 -7.40 -23.53 14.30
N TYR A 394 -7.18 -24.73 13.79
CA TYR A 394 -7.86 -25.91 14.31
C TYR A 394 -7.48 -26.24 15.77
N GLY A 395 -6.74 -25.32 16.39
CA GLY A 395 -6.38 -25.45 17.80
C GLY A 395 -7.10 -24.43 18.67
N THR A 396 -6.90 -23.14 18.40
CA THR A 396 -7.49 -22.08 19.21
C THR A 396 -8.91 -21.70 18.79
N GLY A 397 -9.35 -22.21 17.64
CA GLY A 397 -10.59 -21.75 17.02
C GLY A 397 -10.50 -20.36 16.39
N PHE A 398 -9.34 -19.71 16.50
CA PHE A 398 -9.16 -18.37 15.95
C PHE A 398 -8.72 -18.36 14.49
N TYR A 399 -9.13 -17.33 13.76
CA TYR A 399 -8.62 -17.16 12.41
C TYR A 399 -7.13 -16.84 12.48
N LYS A 400 -6.40 -17.22 11.44
CA LYS A 400 -4.98 -16.93 11.37
C LYS A 400 -4.64 -16.68 9.92
N PRO A 401 -3.71 -15.76 9.68
CA PRO A 401 -3.29 -15.37 8.35
C PRO A 401 -2.37 -16.43 7.75
N VAL A 402 -2.85 -17.20 6.80
CA VAL A 402 -2.07 -18.26 6.16
C VAL A 402 -1.65 -17.80 4.78
N MET A 403 -0.35 -17.77 4.51
CA MET A 403 0.19 -17.44 3.19
C MET A 403 0.31 -18.71 2.36
N ALA A 404 0.26 -18.57 1.03
CA ALA A 404 0.39 -19.73 0.14
C ALA A 404 1.82 -20.21 0.14
N SER A 405 1.99 -21.52 0.34
CA SER A 405 3.28 -22.18 0.32
C SER A 405 4.16 -21.73 -0.83
N LYS A 406 3.57 -21.64 -2.02
CA LYS A 406 4.31 -21.15 -3.19
C LYS A 406 4.94 -19.80 -2.93
N THR A 407 4.16 -18.88 -2.37
CA THR A 407 4.65 -17.56 -2.03
C THR A 407 5.80 -17.62 -1.02
N LEU A 408 5.59 -18.35 0.06
CA LEU A 408 6.67 -18.55 1.04
C LEU A 408 7.94 -19.14 0.39
N GLU A 409 7.77 -20.07 -0.55
CA GLU A 409 8.92 -20.67 -1.23
C GLU A 409 9.69 -19.62 -2.03
N ALA A 410 8.99 -18.82 -2.82
CA ALA A 410 9.61 -17.73 -3.53
C ALA A 410 10.32 -16.76 -2.57
N ILE A 411 9.64 -16.41 -1.47
CA ILE A 411 10.25 -15.58 -0.43
C ILE A 411 11.56 -16.13 0.12
N LEU A 412 11.56 -17.41 0.49
CA LEU A 412 12.71 -18.05 1.12
C LEU A 412 13.86 -18.32 0.13
N SER A 413 13.59 -18.21 -1.16
CA SER A 413 14.55 -18.59 -2.18
C SER A 413 15.56 -17.51 -2.52
N PHE A 414 15.31 -16.29 -2.07
CA PHE A 414 16.15 -15.15 -2.42
C PHE A 414 16.44 -14.28 -1.21
N ALA A 415 17.59 -13.65 -1.19
CA ALA A 415 18.01 -12.88 -0.03
C ALA A 415 19.25 -12.06 -0.32
N ARG A 416 19.26 -10.85 0.22
CA ARG A 416 20.43 -9.99 0.25
C ARG A 416 21.57 -10.67 1.00
N ARG A 417 22.80 -10.49 0.52
CA ARG A 417 23.95 -11.08 1.17
C ARG A 417 24.01 -10.59 2.61
N GLY A 418 24.26 -11.50 3.54
CA GLY A 418 24.39 -11.18 4.96
C GLY A 418 23.11 -10.73 5.65
N THR A 419 21.95 -11.14 5.13
CA THR A 419 20.68 -10.87 5.77
C THR A 419 19.85 -12.15 5.90
N ILE A 420 20.47 -13.29 5.67
CA ILE A 420 19.69 -14.52 5.60
C ILE A 420 19.17 -15.02 6.95
N GLN A 421 19.97 -14.88 7.99
CA GLN A 421 19.60 -15.36 9.31
C GLN A 421 18.34 -14.65 9.74
N GLU A 422 18.42 -13.32 9.77
CA GLU A 422 17.29 -12.49 10.15
C GLU A 422 16.10 -12.68 9.22
N LYS A 423 16.35 -12.78 7.91
CA LYS A 423 15.25 -13.06 7.01
C LYS A 423 14.53 -14.35 7.39
N LEU A 424 15.30 -15.36 7.78
CA LEU A 424 14.72 -16.65 8.09
C LEU A 424 13.80 -16.52 9.31
N ILE A 425 14.32 -15.86 10.33
CA ILE A 425 13.56 -15.70 11.56
C ILE A 425 12.29 -14.92 11.30
N SER A 426 12.37 -13.88 10.48
CA SER A 426 11.22 -13.05 10.18
C SER A 426 10.18 -13.81 9.33
N VAL A 427 10.61 -14.51 8.29
CA VAL A 427 9.70 -15.33 7.48
C VAL A 427 9.07 -16.50 8.26
N ALA A 428 9.75 -16.98 9.29
CA ALA A 428 9.19 -18.04 10.10
C ALA A 428 7.90 -17.60 10.84
N GLY A 429 7.84 -16.32 11.24
CA GLY A 429 6.61 -15.78 11.84
C GLY A 429 5.43 -15.80 10.87
N LEU A 430 5.72 -15.81 9.57
CA LEU A 430 4.66 -15.86 8.53
C LEU A 430 4.24 -17.31 8.29
N ALA A 431 5.22 -18.20 8.36
CA ALA A 431 5.04 -19.56 7.92
C ALA A 431 4.45 -20.44 9.01
N VAL A 432 4.62 -20.05 10.26
CA VAL A 432 4.10 -20.85 11.38
C VAL A 432 2.64 -21.22 11.10
N HIS A 433 1.87 -20.25 10.63
CA HIS A 433 0.45 -20.44 10.32
C HIS A 433 0.10 -21.41 9.19
N SER A 434 1.11 -21.97 8.52
CA SER A 434 0.85 -22.98 7.51
C SER A 434 0.85 -24.37 8.11
N GLY A 435 0.90 -24.47 9.44
CA GLY A 435 0.96 -25.77 10.11
C GLY A 435 2.35 -26.38 10.12
N PRO A 436 2.57 -27.34 11.04
CA PRO A 436 3.89 -27.88 11.38
C PRO A 436 4.59 -28.65 10.28
N ASP A 437 3.85 -29.30 9.42
CA ASP A 437 4.48 -30.08 8.35
C ASP A 437 5.01 -29.17 7.26
N GLU A 438 4.19 -28.19 6.90
CA GLU A 438 4.55 -27.32 5.81
C GLU A 438 5.67 -26.40 6.30
N TYR A 439 5.59 -26.05 7.59
CA TYR A 439 6.60 -25.25 8.25
C TYR A 439 7.97 -25.95 8.17
N ARG A 440 7.99 -27.24 8.48
CA ARG A 440 9.23 -28.01 8.44
C ARG A 440 9.80 -28.21 7.03
N ARG A 441 8.92 -28.45 6.06
CA ARG A 441 9.30 -28.57 4.65
C ARG A 441 9.93 -27.28 4.17
N LEU A 442 9.24 -26.18 4.40
CA LEU A 442 9.74 -24.87 4.00
C LEU A 442 11.17 -24.57 4.44
N PHE A 443 11.56 -25.04 5.62
CA PHE A 443 12.82 -24.61 6.20
C PHE A 443 13.95 -25.63 6.12
N GLU A 444 13.62 -26.87 5.73
CA GLU A 444 14.65 -27.92 5.68
C GLU A 444 15.90 -27.50 4.92
N PRO A 445 15.72 -26.91 3.73
CA PRO A 445 16.88 -26.43 3.02
C PRO A 445 17.87 -25.66 3.90
N PHE A 446 17.41 -25.07 5.00
CA PHE A 446 18.29 -24.25 5.82
C PHE A 446 18.84 -24.99 7.03
N GLN A 447 18.37 -26.22 7.23
CA GLN A 447 18.80 -27.03 8.35
C GLN A 447 20.31 -27.22 8.39
N GLY A 448 20.89 -27.12 9.57
CA GLY A 448 22.32 -27.38 9.74
C GLY A 448 23.21 -26.22 9.38
N LEU A 449 22.61 -25.12 8.92
CA LEU A 449 23.35 -23.95 8.43
C LEU A 449 22.88 -22.66 9.09
N PHE A 450 21.60 -22.59 9.41
CA PHE A 450 21.04 -21.43 10.04
C PHE A 450 20.17 -21.88 11.18
N GLU A 451 19.87 -20.96 12.09
CA GLU A 451 19.04 -21.25 13.23
C GLU A 451 17.59 -21.10 12.81
N ILE A 452 16.83 -22.19 12.84
CA ILE A 452 15.39 -22.13 12.51
C ILE A 452 14.48 -22.20 13.75
N PRO A 453 13.72 -21.14 14.04
CA PRO A 453 12.91 -21.22 15.26
C PRO A 453 12.01 -22.43 15.18
N SER A 454 11.79 -23.09 16.32
CA SER A 454 10.89 -24.22 16.41
C SER A 454 9.47 -23.77 16.06
N TYR A 455 8.73 -24.62 15.38
CA TYR A 455 7.31 -24.36 15.12
C TYR A 455 6.61 -24.05 16.42
N ARG A 456 6.79 -24.97 17.36
CA ARG A 456 6.22 -24.88 18.69
C ARG A 456 6.34 -23.51 19.32
N SER A 457 7.56 -22.98 19.37
CA SER A 457 7.78 -21.69 20.02
C SER A 457 7.02 -20.59 19.31
N LEU A 458 6.96 -20.62 17.98
CA LEU A 458 6.20 -19.54 17.29
C LEU A 458 4.67 -19.69 17.44
N TYR A 459 4.19 -20.91 17.65
CA TYR A 459 2.80 -21.14 17.94
C TYR A 459 2.40 -20.58 19.31
N LEU A 460 3.20 -20.90 20.32
CA LEU A 460 2.96 -20.35 21.65
C LEU A 460 2.99 -18.85 21.58
N ARG A 461 3.91 -18.30 20.80
CA ARG A 461 4.01 -16.85 20.75
C ARG A 461 2.72 -16.28 20.17
N TRP A 462 2.24 -16.92 19.12
CA TRP A 462 1.10 -16.40 18.38
C TRP A 462 -0.19 -16.45 19.21
N VAL A 463 -0.39 -17.55 19.94
CA VAL A 463 -1.55 -17.64 20.83
C VAL A 463 -1.57 -16.50 21.84
N ASN A 464 -0.48 -16.31 22.57
CA ASN A 464 -0.41 -15.17 23.48
C ASN A 464 -0.66 -13.84 22.78
N ALA A 465 -0.14 -13.71 21.56
CA ALA A 465 -0.40 -12.53 20.75
C ALA A 465 -1.90 -12.41 20.49
N VAL A 466 -2.50 -13.45 19.92
CA VAL A 466 -3.87 -13.31 19.47
C VAL A 466 -4.84 -13.20 20.63
N CYS A 467 -4.46 -13.68 21.80
CA CYS A 467 -5.38 -13.67 22.92
C CYS A 467 -4.72 -14.30 24.15
N GLY A 468 -4.07 -13.45 24.95
CA GLY A 468 -3.34 -13.87 26.15
C GLY A 468 -4.11 -14.74 27.12
N ASP A 469 -5.43 -14.56 27.18
CA ASP A 469 -6.29 -15.36 28.05
C ASP A 469 -6.49 -16.74 27.43
N ALA A 470 -6.54 -16.77 26.11
CA ALA A 470 -6.45 -18.04 25.38
C ALA A 470 -5.19 -18.74 25.86
N ALA A 471 -4.08 -17.99 25.86
CA ALA A 471 -2.79 -18.50 26.33
C ALA A 471 -2.89 -18.86 27.81
N ALA A 472 -3.38 -17.91 28.61
CA ALA A 472 -3.53 -18.12 30.04
C ALA A 472 -4.46 -19.30 30.26
N LEU A 473 -5.41 -19.44 29.34
CA LEU A 473 -6.42 -20.49 29.43
C LEU A 473 -5.80 -21.87 29.29
N GLU A 474 -5.18 -22.12 28.14
CA GLU A 474 -4.50 -23.39 27.92
C GLU A 474 -3.85 -23.93 29.19
N HIS A 475 -3.80 -23.13 30.26
CA HIS A 475 -3.10 -23.57 31.48
C HIS A 475 -3.93 -23.80 32.74
N HIS A 476 -5.20 -23.39 32.72
CA HIS A 476 -6.09 -23.65 33.85
C HIS A 476 -6.46 -25.15 33.92
#